data_6PEG
#
_entry.id   6PEG
#
_cell.length_a   67.890
_cell.length_b   67.890
_cell.length_c   88.590
_cell.angle_alpha   90.00
_cell.angle_beta   90.00
_cell.angle_gamma   90.00
#
_symmetry.space_group_name_H-M   'P 21 21 21'
#
loop_
_entity.id
_entity.type
_entity.pdbx_description
1 polymer 'Macrophage migration inhibitory factor'
2 non-polymer 'ACETATE ION'
3 non-polymer GLYCEROL
4 non-polymer 'SULFATE ION'
5 non-polymer '4-amino-5-hydroxy-6-[(E)-(3-{[3-(2-methylpropanoyl)pyrazolo[1,5-a]pyridin-2-yl]methyl}phenyl)diazenyl]naphthalene-1,3-disulfonic acid'
6 non-polymer 'PHOSPHATE ION'
7 water water
#
_entity_poly.entity_id   1
_entity_poly.type   'polypeptide(L)'
_entity_poly.pdbx_seq_one_letter_code
;PMFIVNTNVPRASVPDGFLSELTQQLAQATGKPPQYIAVHVVPDQLMAFGGSSEPCALCSLHSIGKIGGAQNRSYSKLLC
GLLAERLRISPDRVYINYYDMNAANVGWNNSTFA
;
_entity_poly.pdbx_strand_id   D,E,F
#
# COMPACT_ATOMS: atom_id res chain seq x y z
N PRO A 1 -5.07 3.02 14.69
CA PRO A 1 -4.66 3.65 13.48
C PRO A 1 -3.38 2.99 12.93
N MET A 2 -3.12 3.10 11.63
CA MET A 2 -1.90 2.59 11.12
C MET A 2 -1.31 3.58 10.12
N PHE A 3 -0.01 3.81 10.31
CA PHE A 3 0.73 4.79 9.57
C PHE A 3 1.90 4.11 8.86
N ILE A 4 1.98 4.32 7.57
CA ILE A 4 3.01 3.72 6.72
C ILE A 4 3.77 4.82 5.99
N VAL A 5 5.10 4.75 6.04
CA VAL A 5 5.89 5.67 5.21
C VAL A 5 6.84 4.87 4.35
N ASN A 6 6.83 5.22 3.07
CA ASN A 6 7.73 4.70 2.06
C ASN A 6 8.63 5.85 1.65
N THR A 7 9.95 5.66 1.56
CA THR A 7 10.88 6.76 1.28
C THR A 7 12.13 6.23 0.60
N ASN A 8 12.74 7.11 -0.22
CA ASN A 8 14.06 6.87 -0.81
C ASN A 8 15.19 7.20 0.17
N VAL A 9 14.89 7.75 1.33
CA VAL A 9 15.93 7.95 2.35
C VAL A 9 16.52 6.58 2.76
N PRO A 10 17.86 6.43 2.85
CA PRO A 10 18.43 5.13 3.16
C PRO A 10 18.22 4.76 4.64
N ARG A 11 18.23 3.45 4.86
CA ARG A 11 17.93 2.85 6.15
C ARG A 11 18.83 3.46 7.23
N ALA A 12 20.10 3.70 6.92
CA ALA A 12 21.05 4.23 7.95
C ALA A 12 20.70 5.68 8.32
N SER A 13 19.90 6.38 7.50
CA SER A 13 19.46 7.72 7.88
C SER A 13 18.16 7.71 8.69
N VAL A 14 17.55 6.53 8.90
CA VAL A 14 16.40 6.49 9.80
C VAL A 14 16.92 6.42 11.24
N PRO A 15 16.69 7.41 12.12
CA PRO A 15 17.37 7.39 13.41
C PRO A 15 16.72 6.35 14.32
N ASP A 16 17.52 5.81 15.24
CA ASP A 16 17.02 4.97 16.32
C ASP A 16 15.86 5.67 17.03
N GLY A 17 14.81 4.93 17.39
CA GLY A 17 13.69 5.50 18.13
C GLY A 17 12.55 6.02 17.26
N PHE A 18 12.71 6.00 15.94
CA PHE A 18 11.74 6.61 15.06
C PHE A 18 10.38 5.91 15.11
N LEU A 19 10.31 4.57 15.05
CA LEU A 19 9.00 3.88 15.13
C LEU A 19 8.26 4.23 16.44
N SER A 20 9.02 4.29 17.53
CA SER A 20 8.43 4.51 18.83
C SER A 20 7.94 5.95 18.93
N GLU A 21 8.66 6.87 18.29
CA GLU A 21 8.26 8.28 18.28
C GLU A 21 6.97 8.44 17.46
N LEU A 22 6.93 7.86 16.26
CA LEU A 22 5.69 7.85 15.45
C LEU A 22 4.49 7.32 16.26
N THR A 23 4.70 6.21 16.96
CA THR A 23 3.63 5.56 17.77
C THR A 23 3.10 6.53 18.82
N GLN A 24 4.02 7.16 19.56
CA GLN A 24 3.67 8.02 20.68
C GLN A 24 2.92 9.26 20.17
N GLN A 25 3.50 9.89 19.15
CA GLN A 25 2.95 11.13 18.64
C GLN A 25 1.59 10.88 17.96
N LEU A 26 1.44 9.78 17.23
CA LEU A 26 0.14 9.44 16.61
C LEU A 26 -0.92 9.10 17.68
N ALA A 27 -0.55 8.36 18.72
CA ALA A 27 -1.49 8.11 19.80
C ALA A 27 -2.05 9.45 20.36
N GLN A 28 -1.15 10.38 20.65
CA GLN A 28 -1.53 11.67 21.23
C GLN A 28 -2.36 12.47 20.23
N ALA A 29 -1.94 12.52 18.96
CA ALA A 29 -2.65 13.26 17.92
C ALA A 29 -4.07 12.71 17.66
N THR A 30 -4.26 11.39 17.71
CA THR A 30 -5.58 10.80 17.45
C THR A 30 -6.41 10.68 18.74
N GLY A 31 -5.82 11.00 19.91
CA GLY A 31 -6.54 10.77 21.17
C GLY A 31 -6.93 9.31 21.41
N LYS A 32 -6.01 8.39 21.11
CA LYS A 32 -6.26 6.96 21.28
C LYS A 32 -5.09 6.33 22.01
N PRO A 33 -5.33 5.22 22.75
CA PRO A 33 -4.23 4.52 23.39
C PRO A 33 -3.20 3.98 22.38
N PRO A 34 -1.90 4.00 22.75
CA PRO A 34 -0.85 3.59 21.82
C PRO A 34 -0.95 2.10 21.46
N GLN A 35 -1.69 1.32 22.25
CA GLN A 35 -1.89 -0.11 21.95
C GLN A 35 -2.58 -0.29 20.59
N TYR A 36 -3.33 0.73 20.12
CA TYR A 36 -4.09 0.61 18.87
C TYR A 36 -3.21 1.00 17.65
N ILE A 37 -2.01 1.56 17.89
CA ILE A 37 -1.26 2.26 16.83
C ILE A 37 -0.26 1.30 16.23
N ALA A 38 -0.26 1.22 14.88
CA ALA A 38 0.73 0.44 14.16
C ALA A 38 1.48 1.37 13.23
N VAL A 39 2.79 1.15 13.09
CA VAL A 39 3.65 2.03 12.30
C VAL A 39 4.58 1.13 11.48
N HIS A 40 4.94 1.62 10.28
CA HIS A 40 5.69 0.88 9.29
C HIS A 40 6.47 1.87 8.41
N VAL A 41 7.79 1.70 8.37
CA VAL A 41 8.69 2.54 7.67
C VAL A 41 9.51 1.71 6.71
N VAL A 42 9.54 2.18 5.46
CA VAL A 42 10.14 1.46 4.35
C VAL A 42 11.18 2.34 3.67
N PRO A 43 12.47 2.25 4.05
CA PRO A 43 13.49 3.07 3.43
C PRO A 43 14.01 2.45 2.13
N ASP A 44 14.98 3.14 1.52
CA ASP A 44 15.76 2.66 0.38
C ASP A 44 14.88 2.44 -0.84
N GLN A 45 13.75 3.13 -0.98
CA GLN A 45 12.88 2.86 -2.07
C GLN A 45 13.32 3.58 -3.36
N LEU A 46 13.00 2.95 -4.48
CA LEU A 46 13.17 3.55 -5.84
C LEU A 46 11.90 4.33 -6.11
N MET A 47 11.96 5.63 -5.80
CA MET A 47 10.82 6.48 -5.96
C MET A 47 11.27 7.87 -6.40
N ALA A 48 10.40 8.58 -7.12
CA ALA A 48 10.62 9.98 -7.48
C ALA A 48 9.39 10.80 -7.14
N PHE A 49 9.61 12.07 -6.78
CA PHE A 49 8.57 13.02 -6.49
C PHE A 49 8.83 14.22 -7.41
N GLY A 50 7.89 14.48 -8.33
CA GLY A 50 8.03 15.49 -9.36
C GLY A 50 9.21 15.26 -10.27
N GLY A 51 9.51 14.00 -10.55
CA GLY A 51 10.60 13.61 -11.39
C GLY A 51 11.99 13.75 -10.75
N SER A 52 12.08 14.08 -9.46
CA SER A 52 13.31 14.23 -8.75
C SER A 52 13.53 13.07 -7.77
N SER A 53 14.80 12.66 -7.67
CA SER A 53 15.26 11.64 -6.74
C SER A 53 15.70 12.27 -5.40
N GLU A 54 15.46 13.58 -5.21
CA GLU A 54 15.68 14.26 -3.93
C GLU A 54 14.85 13.52 -2.87
N PRO A 55 15.26 13.45 -1.60
CA PRO A 55 14.46 12.74 -0.61
C PRO A 55 12.99 13.14 -0.68
N CYS A 56 12.14 12.14 -0.55
CA CYS A 56 10.70 12.28 -0.59
C CYS A 56 10.03 11.15 0.19
N ALA A 57 8.72 11.27 0.43
CA ALA A 57 7.99 10.19 1.08
C ALA A 57 6.57 10.08 0.55
N LEU A 58 6.10 8.84 0.45
CA LEU A 58 4.73 8.52 0.16
C LEU A 58 4.17 7.68 1.31
N CYS A 59 3.10 8.19 1.94
CA CYS A 59 2.61 7.72 3.24
C CYS A 59 1.11 7.43 3.17
N SER A 60 0.63 6.67 4.16
CA SER A 60 -0.76 6.36 4.39
C SER A 60 -1.07 6.49 5.87
N LEU A 61 -2.22 7.03 6.22
CA LEU A 61 -2.76 6.91 7.57
C LEU A 61 -4.18 6.37 7.46
N HIS A 62 -4.43 5.23 8.10
CA HIS A 62 -5.74 4.59 8.12
C HIS A 62 -6.25 4.62 9.56
N SER A 63 -7.52 5.02 9.78
CA SER A 63 -8.08 5.07 11.12
C SER A 63 -9.58 4.80 11.06
N ILE A 64 -10.11 4.12 12.08
CA ILE A 64 -11.56 4.05 12.18
C ILE A 64 -11.97 5.35 12.88
N GLY A 65 -12.45 6.32 12.10
CA GLY A 65 -12.74 7.66 12.56
C GLY A 65 -11.51 8.50 12.87
N LYS A 66 -11.77 9.68 13.45
CA LYS A 66 -10.77 10.70 13.71
C LYS A 66 -10.06 11.08 12.39
N ILE A 67 -10.78 11.01 11.27
CA ILE A 67 -10.23 11.41 9.96
C ILE A 67 -11.18 12.49 9.48
N GLY A 68 -10.65 13.57 8.94
CA GLY A 68 -11.53 14.62 8.46
C GLY A 68 -10.74 15.86 8.16
N GLY A 69 -11.42 16.87 7.63
CA GLY A 69 -10.75 18.07 7.10
C GLY A 69 -9.71 18.66 8.04
N ALA A 70 -10.19 19.10 9.20
CA ALA A 70 -9.32 19.82 10.14
C ALA A 70 -8.33 18.82 10.76
N GLN A 71 -8.84 17.63 11.11
CA GLN A 71 -8.01 16.64 11.74
C GLN A 71 -6.83 16.28 10.81
N ASN A 72 -7.09 16.14 9.52
CA ASN A 72 -6.06 15.69 8.58
C ASN A 72 -5.01 16.80 8.37
N ARG A 73 -5.45 18.07 8.42
N ARG A 73 -5.42 18.07 8.46
CA ARG A 73 -4.53 19.23 8.43
CA ARG A 73 -4.46 19.18 8.37
C ARG A 73 -3.55 19.08 9.60
C ARG A 73 -3.54 19.13 9.60
N SER A 74 -4.10 18.87 10.79
CA SER A 74 -3.29 18.74 11.97
C SER A 74 -2.30 17.56 11.84
N TYR A 75 -2.78 16.41 11.37
CA TYR A 75 -1.91 15.24 11.23
C TYR A 75 -0.77 15.52 10.24
N SER A 76 -1.08 16.21 9.13
CA SER A 76 -0.09 16.54 8.12
C SER A 76 1.03 17.43 8.69
N LYS A 77 0.64 18.41 9.50
CA LYS A 77 1.61 19.28 10.12
C LYS A 77 2.48 18.43 11.05
N LEU A 78 1.83 17.59 11.87
CA LEU A 78 2.55 16.74 12.77
C LEU A 78 3.54 15.82 12.01
N LEU A 79 3.04 15.12 11.01
CA LEU A 79 3.82 14.04 10.34
C LEU A 79 4.85 14.64 9.39
N CYS A 80 4.52 15.72 8.66
CA CYS A 80 5.53 16.37 7.85
C CYS A 80 6.65 16.92 8.73
N GLY A 81 6.27 17.45 9.90
CA GLY A 81 7.24 17.98 10.88
C GLY A 81 8.24 16.92 11.31
N LEU A 82 7.73 15.71 11.64
CA LEU A 82 8.56 14.60 12.02
C LEU A 82 9.47 14.14 10.86
N LEU A 83 8.91 13.96 9.65
CA LEU A 83 9.69 13.54 8.50
C LEU A 83 10.78 14.55 8.18
N ALA A 84 10.47 15.84 8.37
CA ALA A 84 11.47 16.92 8.14
C ALA A 84 12.56 16.86 9.21
N GLU A 85 12.16 16.75 10.48
CA GLU A 85 13.09 16.73 11.66
C GLU A 85 13.97 15.48 11.63
N ARG A 86 13.36 14.31 11.42
CA ARG A 86 14.06 13.02 11.57
C ARG A 86 14.73 12.51 10.30
N LEU A 87 14.05 12.66 9.15
CA LEU A 87 14.52 12.04 7.86
C LEU A 87 15.01 13.12 6.88
N ARG A 88 14.89 14.38 7.26
CA ARG A 88 15.33 15.56 6.49
C ARG A 88 14.63 15.59 5.15
N ILE A 89 13.33 15.25 5.15
CA ILE A 89 12.53 15.33 3.94
C ILE A 89 11.74 16.65 3.99
N SER A 90 11.81 17.44 2.91
CA SER A 90 10.98 18.63 2.79
C SER A 90 9.50 18.28 2.81
N PRO A 91 8.66 19.05 3.57
CA PRO A 91 7.20 18.83 3.61
C PRO A 91 6.49 18.89 2.26
N ASP A 92 7.04 19.65 1.30
CA ASP A 92 6.50 19.73 -0.04
C ASP A 92 6.97 18.57 -0.96
N ARG A 93 7.67 17.57 -0.41
CA ARG A 93 8.00 16.32 -1.11
C ARG A 93 7.44 15.09 -0.36
N VAL A 94 6.36 15.29 0.37
CA VAL A 94 5.63 14.28 1.10
C VAL A 94 4.17 14.28 0.66
N TYR A 95 3.65 13.08 0.36
CA TYR A 95 2.24 12.88 0.24
C TYR A 95 1.78 11.92 1.37
N ILE A 96 0.62 12.21 1.95
CA ILE A 96 0.00 11.31 2.93
C ILE A 96 -1.44 11.07 2.51
N ASN A 97 -1.78 9.84 2.16
CA ASN A 97 -3.16 9.49 1.88
C ASN A 97 -3.85 9.12 3.21
N TYR A 98 -4.99 9.77 3.48
CA TYR A 98 -5.80 9.46 4.67
C TYR A 98 -6.98 8.57 4.28
N TYR A 99 -7.22 7.52 5.10
CA TYR A 99 -8.31 6.61 4.92
C TYR A 99 -9.15 6.50 6.19
N ASP A 100 -10.42 6.86 6.06
CA ASP A 100 -11.42 6.71 7.13
C ASP A 100 -12.05 5.32 6.98
N MET A 101 -11.59 4.37 7.80
CA MET A 101 -11.92 2.98 7.62
C MET A 101 -13.21 2.65 8.36
N ASN A 102 -14.13 1.97 7.68
CA ASN A 102 -15.33 1.40 8.36
C ASN A 102 -14.87 0.27 9.28
N ALA A 103 -15.47 0.15 10.49
CA ALA A 103 -15.02 -0.83 11.50
C ALA A 103 -15.15 -2.23 10.88
N ALA A 104 -16.19 -2.42 10.07
CA ALA A 104 -16.41 -3.77 9.42
C ALA A 104 -15.31 -4.12 8.41
N ASN A 105 -14.54 -3.10 7.96
CA ASN A 105 -13.50 -3.31 6.94
C ASN A 105 -12.10 -3.31 7.56
N VAL A 106 -12.02 -3.48 8.88
CA VAL A 106 -10.70 -3.66 9.52
C VAL A 106 -10.71 -4.95 10.32
N GLY A 107 -9.88 -5.88 9.88
CA GLY A 107 -9.67 -7.13 10.58
C GLY A 107 -8.61 -7.00 11.68
N TRP A 108 -8.83 -7.76 12.75
CA TRP A 108 -7.89 -7.83 13.90
C TRP A 108 -8.31 -9.04 14.75
N ASN A 109 -7.34 -9.84 15.19
CA ASN A 109 -7.60 -10.84 16.22
C ASN A 109 -8.77 -11.76 15.81
N ASN A 110 -8.70 -12.30 14.59
CA ASN A 110 -9.58 -13.34 14.09
C ASN A 110 -10.99 -12.82 13.76
N SER A 111 -11.24 -11.50 13.81
CA SER A 111 -12.51 -10.91 13.49
C SER A 111 -12.34 -9.49 12.93
N THR A 112 -13.41 -8.71 12.98
CA THR A 112 -13.31 -7.29 12.63
C THR A 112 -13.71 -6.42 13.82
N PHE A 113 -13.60 -5.10 13.65
CA PHE A 113 -14.02 -4.18 14.73
C PHE A 113 -15.55 -3.90 14.74
N ALA A 114 -16.34 -4.41 13.79
CA ALA A 114 -17.80 -4.07 13.68
C ALA A 114 -18.59 -4.60 14.87
N PRO B 1 -8.93 -10.97 -6.86
CA PRO B 1 -8.60 -10.41 -5.59
C PRO B 1 -7.08 -10.27 -5.42
N MET B 2 -6.67 -9.45 -4.46
CA MET B 2 -5.31 -9.20 -4.17
C MET B 2 -5.13 -9.21 -2.66
N PHE B 3 -4.15 -9.97 -2.18
CA PHE B 3 -3.84 -9.98 -0.77
C PHE B 3 -2.38 -9.63 -0.57
N ILE B 4 -2.12 -8.65 0.29
CA ILE B 4 -0.79 -8.23 0.58
C ILE B 4 -0.58 -8.39 2.08
N VAL B 5 0.60 -8.88 2.45
CA VAL B 5 1.00 -8.96 3.84
C VAL B 5 2.41 -8.36 3.98
N ASN B 6 2.54 -7.37 4.85
CA ASN B 6 3.79 -6.81 5.23
C ASN B 6 4.07 -7.21 6.68
N THR B 7 5.28 -7.68 6.96
CA THR B 7 5.60 -8.20 8.26
C THR B 7 7.07 -8.00 8.59
N ASN B 8 7.33 -7.90 9.90
CA ASN B 8 8.68 -7.84 10.41
C ASN B 8 9.25 -9.26 10.61
N VAL B 9 8.47 -10.28 10.32
CA VAL B 9 9.04 -11.60 10.31
C VAL B 9 10.14 -11.69 9.23
N PRO B 10 11.28 -12.36 9.48
CA PRO B 10 12.36 -12.46 8.48
C PRO B 10 12.05 -13.42 7.34
N ARG B 11 12.64 -13.16 6.17
CA ARG B 11 12.33 -13.92 4.95
C ARG B 11 12.58 -15.44 5.15
N ALA B 12 13.62 -15.80 5.90
CA ALA B 12 13.93 -17.22 6.08
C ALA B 12 12.79 -17.91 6.84
N SER B 13 11.97 -17.15 7.58
CA SER B 13 10.84 -17.76 8.35
C SER B 13 9.55 -17.94 7.53
N VAL B 14 9.51 -17.47 6.29
CA VAL B 14 8.41 -17.69 5.42
C VAL B 14 8.62 -19.06 4.78
N PRO B 15 7.75 -20.07 5.03
CA PRO B 15 8.00 -21.40 4.50
C PRO B 15 7.77 -21.45 2.98
N ASP B 16 8.44 -22.42 2.37
CA ASP B 16 8.13 -22.85 1.02
C ASP B 16 6.64 -23.16 0.94
N GLY B 17 6.00 -22.66 -0.10
CA GLY B 17 4.62 -22.97 -0.39
C GLY B 17 3.65 -21.92 0.15
N PHE B 18 4.19 -20.90 0.86
CA PHE B 18 3.34 -19.93 1.54
C PHE B 18 2.46 -19.18 0.53
N LEU B 19 3.04 -18.63 -0.54
CA LEU B 19 2.22 -17.93 -1.56
C LEU B 19 1.11 -18.85 -2.11
N SER B 20 1.47 -20.10 -2.40
CA SER B 20 0.54 -21.03 -3.02
C SER B 20 -0.58 -21.37 -2.06
N GLU B 21 -0.25 -21.50 -0.76
CA GLU B 21 -1.26 -21.81 0.22
C GLU B 21 -2.24 -20.64 0.38
N LEU B 22 -1.71 -19.40 0.42
CA LEU B 22 -2.52 -18.18 0.49
C LEU B 22 -3.45 -18.11 -0.72
N THR B 23 -2.93 -18.38 -1.91
CA THR B 23 -3.78 -18.45 -3.10
C THR B 23 -4.94 -19.44 -2.93
N GLN B 24 -4.62 -20.67 -2.58
CA GLN B 24 -5.61 -21.70 -2.51
C GLN B 24 -6.65 -21.37 -1.44
N GLN B 25 -6.18 -20.91 -0.26
CA GLN B 25 -7.05 -20.62 0.87
C GLN B 25 -7.95 -19.40 0.59
N LEU B 26 -7.42 -18.39 -0.12
CA LEU B 26 -8.27 -17.27 -0.51
C LEU B 26 -9.29 -17.68 -1.57
N ALA B 27 -8.90 -18.52 -2.54
CA ALA B 27 -9.83 -19.14 -3.49
C ALA B 27 -10.95 -19.86 -2.72
N GLN B 28 -10.60 -20.65 -1.70
CA GLN B 28 -11.58 -21.41 -0.93
C GLN B 28 -12.55 -20.46 -0.18
N ALA B 29 -11.98 -19.44 0.47
CA ALA B 29 -12.78 -18.53 1.29
C ALA B 29 -13.65 -17.62 0.43
N THR B 30 -13.09 -17.03 -0.63
CA THR B 30 -13.83 -16.08 -1.42
C THR B 30 -14.75 -16.77 -2.44
N GLY B 31 -14.44 -18.02 -2.79
CA GLY B 31 -15.08 -18.75 -3.89
C GLY B 31 -14.56 -18.30 -5.26
N LYS B 32 -13.62 -17.35 -5.32
CA LYS B 32 -13.14 -16.84 -6.61
C LYS B 32 -12.18 -17.87 -7.24
N PRO B 33 -12.11 -18.02 -8.57
CA PRO B 33 -11.13 -18.93 -9.17
C PRO B 33 -9.71 -18.53 -8.77
N PRO B 34 -8.83 -19.51 -8.51
CA PRO B 34 -7.47 -19.20 -8.11
C PRO B 34 -6.68 -18.41 -9.15
N GLN B 35 -7.06 -18.56 -10.42
CA GLN B 35 -6.45 -17.85 -11.54
C GLN B 35 -6.55 -16.32 -11.37
N TYR B 36 -7.55 -15.82 -10.64
CA TYR B 36 -7.79 -14.39 -10.51
C TYR B 36 -7.08 -13.80 -9.27
N ILE B 37 -6.48 -14.66 -8.44
CA ILE B 37 -5.98 -14.26 -7.14
C ILE B 37 -4.48 -13.95 -7.20
N ALA B 38 -4.12 -12.78 -6.69
CA ALA B 38 -2.77 -12.35 -6.59
C ALA B 38 -2.41 -12.25 -5.12
N VAL B 39 -1.19 -12.64 -4.78
CA VAL B 39 -0.74 -12.58 -3.40
C VAL B 39 0.68 -12.02 -3.38
N HIS B 40 1.02 -11.35 -2.28
CA HIS B 40 2.26 -10.60 -2.15
C HIS B 40 2.66 -10.59 -0.68
N VAL B 41 3.88 -11.09 -0.38
CA VAL B 41 4.39 -11.15 0.95
C VAL B 41 5.68 -10.35 1.02
N VAL B 42 5.74 -9.47 2.02
CA VAL B 42 6.86 -8.57 2.22
C VAL B 42 7.44 -8.76 3.62
N PRO B 43 8.50 -9.58 3.78
CA PRO B 43 9.11 -9.80 5.08
C PRO B 43 10.17 -8.75 5.41
N ASP B 44 10.83 -8.94 6.54
CA ASP B 44 11.96 -8.12 6.97
C ASP B 44 11.58 -6.64 7.10
N GLN B 45 10.31 -6.31 7.40
CA GLN B 45 9.89 -4.89 7.51
C GLN B 45 10.21 -4.32 8.90
N LEU B 46 10.48 -3.02 8.87
CA LEU B 46 10.60 -2.13 10.04
C LEU B 46 9.20 -1.70 10.44
N MET B 47 8.67 -2.36 11.46
CA MET B 47 7.32 -2.04 11.85
C MET B 47 7.11 -2.30 13.33
N ALA B 48 6.07 -1.65 13.86
CA ALA B 48 5.70 -1.84 15.25
C ALA B 48 4.18 -1.87 15.37
N PHE B 49 3.71 -2.57 16.38
CA PHE B 49 2.29 -2.72 16.66
C PHE B 49 2.11 -2.49 18.16
N GLY B 50 1.32 -1.48 18.52
CA GLY B 50 1.17 -1.03 19.94
C GLY B 50 2.48 -0.66 20.60
N GLY B 51 3.43 -0.10 19.82
CA GLY B 51 4.72 0.33 20.34
C GLY B 51 5.73 -0.79 20.42
N SER B 52 5.36 -2.02 20.05
CA SER B 52 6.20 -3.17 20.24
C SER B 52 6.69 -3.67 18.90
N SER B 53 7.93 -4.16 18.88
CA SER B 53 8.57 -4.78 17.68
C SER B 53 8.48 -6.31 17.67
N GLU B 54 7.63 -6.89 18.52
CA GLU B 54 7.32 -8.34 18.40
C GLU B 54 6.63 -8.59 17.06
N PRO B 55 6.69 -9.83 16.54
CA PRO B 55 6.12 -10.14 15.24
C PRO B 55 4.71 -9.56 15.09
N CYS B 56 4.49 -8.87 13.97
CA CYS B 56 3.20 -8.31 13.65
C CYS B 56 3.03 -8.30 12.14
N ALA B 57 1.82 -7.99 11.69
CA ALA B 57 1.60 -7.87 10.26
C ALA B 57 0.56 -6.79 9.99
N LEU B 58 0.77 -6.08 8.89
CA LEU B 58 -0.22 -5.24 8.35
C LEU B 58 -0.52 -5.75 6.93
N CYS B 59 -1.80 -5.95 6.67
CA CYS B 59 -2.28 -6.64 5.48
C CYS B 59 -3.44 -5.88 4.84
N SER B 60 -3.65 -6.18 3.55
CA SER B 60 -4.75 -5.67 2.77
C SER B 60 -5.37 -6.80 1.95
N LEU B 61 -6.70 -6.82 1.86
CA LEU B 61 -7.38 -7.67 0.89
C LEU B 61 -8.31 -6.81 0.07
N HIS B 62 -8.05 -6.72 -1.24
CA HIS B 62 -8.90 -6.08 -2.20
C HIS B 62 -9.62 -7.13 -3.06
N SER B 63 -10.91 -6.89 -3.34
CA SER B 63 -11.66 -7.80 -4.16
C SER B 63 -12.77 -6.99 -4.81
N ILE B 64 -13.10 -7.36 -6.06
CA ILE B 64 -14.37 -6.91 -6.62
C ILE B 64 -15.46 -7.87 -6.10
N GLY B 65 -16.24 -7.37 -5.17
CA GLY B 65 -17.22 -8.11 -4.45
C GLY B 65 -16.62 -9.05 -3.41
N LYS B 66 -17.50 -9.81 -2.76
CA LYS B 66 -17.14 -10.76 -1.77
C LYS B 66 -16.52 -10.03 -0.55
N ILE B 67 -16.84 -8.75 -0.35
CA ILE B 67 -16.42 -8.02 0.83
C ILE B 67 -17.67 -7.61 1.61
N GLY B 68 -17.65 -7.77 2.92
CA GLY B 68 -18.82 -7.32 3.74
C GLY B 68 -18.66 -7.77 5.19
N GLY B 69 -19.70 -7.55 6.00
CA GLY B 69 -19.53 -7.73 7.46
C GLY B 69 -19.16 -9.16 7.81
N ALA B 70 -20.00 -10.12 7.39
CA ALA B 70 -19.77 -11.50 7.76
C ALA B 70 -18.57 -12.04 6.98
N GLN B 71 -18.46 -11.69 5.68
CA GLN B 71 -17.36 -12.16 4.88
C GLN B 71 -16.01 -11.76 5.50
N ASN B 72 -15.87 -10.49 5.87
CA ASN B 72 -14.65 -9.97 6.41
C ASN B 72 -14.34 -10.65 7.73
N ARG B 73 -15.35 -10.94 8.57
CA ARG B 73 -15.05 -11.67 9.81
C ARG B 73 -14.44 -13.03 9.45
N SER B 74 -15.02 -13.71 8.44
CA SER B 74 -14.51 -15.06 8.04
C SER B 74 -13.09 -14.96 7.46
N TYR B 75 -12.78 -13.93 6.70
CA TYR B 75 -11.44 -13.82 6.13
C TYR B 75 -10.41 -13.52 7.21
N SER B 76 -10.81 -12.75 8.21
CA SER B 76 -9.93 -12.43 9.30
C SER B 76 -9.57 -13.68 10.09
N LYS B 77 -10.56 -14.53 10.37
CA LYS B 77 -10.27 -15.79 11.07
C LYS B 77 -9.28 -16.62 10.22
N LEU B 78 -9.60 -16.75 8.92
CA LEU B 78 -8.76 -17.55 8.01
C LEU B 78 -7.33 -17.00 7.94
N LEU B 79 -7.21 -15.69 7.70
CA LEU B 79 -5.89 -15.15 7.44
C LEU B 79 -5.07 -15.00 8.72
N CYS B 80 -5.70 -14.61 9.84
CA CYS B 80 -4.95 -14.61 11.14
C CYS B 80 -4.47 -16.02 11.46
N GLY B 81 -5.30 -17.00 11.15
CA GLY B 81 -4.95 -18.44 11.37
C GLY B 81 -3.70 -18.86 10.62
N LEU B 82 -3.62 -18.49 9.35
CA LEU B 82 -2.49 -18.79 8.51
C LEU B 82 -1.24 -18.02 8.96
N LEU B 83 -1.36 -16.74 9.30
CA LEU B 83 -0.17 -15.98 9.79
C LEU B 83 0.36 -16.58 11.10
N ALA B 84 -0.54 -17.02 11.99
CA ALA B 84 -0.16 -17.58 13.28
C ALA B 84 0.53 -18.92 13.04
N GLU B 85 -0.10 -19.76 12.20
CA GLU B 85 0.40 -21.10 11.94
C GLU B 85 1.74 -21.02 11.18
N ARG B 86 1.85 -20.21 10.14
CA ARG B 86 3.00 -20.29 9.27
C ARG B 86 4.10 -19.31 9.68
N LEU B 87 3.71 -18.09 10.11
CA LEU B 87 4.71 -17.06 10.44
C LEU B 87 4.83 -16.83 11.95
N ARG B 88 4.04 -17.55 12.75
CA ARG B 88 4.04 -17.41 14.22
C ARG B 88 3.74 -15.98 14.69
N ILE B 89 2.80 -15.31 14.02
CA ILE B 89 2.34 -14.00 14.39
C ILE B 89 1.02 -14.15 15.17
N SER B 90 0.97 -13.54 16.36
CA SER B 90 -0.26 -13.52 17.17
C SER B 90 -1.38 -12.76 16.43
N PRO B 91 -2.59 -13.32 16.34
CA PRO B 91 -3.73 -12.62 15.74
C PRO B 91 -4.02 -11.23 16.31
N ASP B 92 -3.67 -10.98 17.59
CA ASP B 92 -3.91 -9.62 18.14
C ASP B 92 -2.78 -8.65 17.74
N ARG B 93 -1.83 -9.10 16.91
CA ARG B 93 -0.85 -8.19 16.32
C ARG B 93 -0.96 -8.18 14.79
N VAL B 94 -2.18 -8.37 14.29
CA VAL B 94 -2.46 -8.27 12.90
C VAL B 94 -3.58 -7.27 12.68
N TYR B 95 -3.40 -6.39 11.69
CA TYR B 95 -4.47 -5.59 11.10
C TYR B 95 -4.63 -6.01 9.63
N ILE B 96 -5.86 -6.15 9.19
CA ILE B 96 -6.18 -6.44 7.78
C ILE B 96 -7.17 -5.34 7.36
N ASN B 97 -6.80 -4.51 6.41
CA ASN B 97 -7.70 -3.59 5.77
C ASN B 97 -8.38 -4.28 4.58
N TYR B 98 -9.72 -4.25 4.56
CA TYR B 98 -10.53 -4.80 3.49
C TYR B 98 -11.02 -3.67 2.58
N TYR B 99 -10.94 -3.91 1.27
CA TYR B 99 -11.37 -2.96 0.24
C TYR B 99 -12.28 -3.66 -0.79
N ASP B 100 -13.53 -3.16 -0.83
CA ASP B 100 -14.48 -3.56 -1.82
C ASP B 100 -14.30 -2.65 -3.04
N MET B 101 -13.62 -3.16 -4.04
CA MET B 101 -13.25 -2.37 -5.19
C MET B 101 -14.41 -2.36 -6.18
N ASN B 102 -14.69 -1.18 -6.73
CA ASN B 102 -15.55 -1.04 -7.89
C ASN B 102 -14.79 -1.61 -9.10
N ALA B 103 -15.50 -2.40 -9.92
CA ALA B 103 -14.88 -3.03 -11.09
C ALA B 103 -14.25 -1.97 -12.02
N ALA B 104 -14.82 -0.75 -12.07
CA ALA B 104 -14.29 0.29 -12.95
C ALA B 104 -12.94 0.82 -12.45
N ASN B 105 -12.58 0.49 -11.21
CA ASN B 105 -11.41 0.98 -10.53
C ASN B 105 -10.38 -0.14 -10.39
N VAL B 106 -10.52 -1.24 -11.18
CA VAL B 106 -9.50 -2.26 -11.23
C VAL B 106 -9.08 -2.50 -12.68
N GLY B 107 -7.79 -2.25 -12.96
CA GLY B 107 -7.21 -2.43 -14.28
C GLY B 107 -6.59 -3.81 -14.40
N TRP B 108 -6.68 -4.39 -15.60
CA TRP B 108 -6.10 -5.71 -15.90
C TRP B 108 -6.06 -5.87 -17.42
N ASN B 109 -4.96 -6.38 -17.96
CA ASN B 109 -4.96 -6.81 -19.39
C ASN B 109 -5.44 -5.64 -20.27
N ASN B 110 -4.92 -4.43 -20.01
CA ASN B 110 -5.03 -3.24 -20.84
C ASN B 110 -6.38 -2.56 -20.70
N SER B 111 -7.26 -3.02 -19.81
CA SER B 111 -8.57 -2.46 -19.63
C SER B 111 -8.90 -2.53 -18.14
N THR B 112 -10.17 -2.45 -17.80
CA THR B 112 -10.66 -2.66 -16.46
C THR B 112 -11.77 -3.70 -16.49
N PHE B 113 -12.35 -4.00 -15.33
CA PHE B 113 -13.40 -4.98 -15.22
C PHE B 113 -14.81 -4.41 -15.42
N ALA B 114 -14.98 -3.10 -15.64
CA ALA B 114 -16.30 -2.44 -15.78
C ALA B 114 -17.06 -3.00 -17.01
N PRO C 1 -0.77 13.13 -8.22
CA PRO C 1 -1.13 11.74 -8.48
C PRO C 1 0.06 10.87 -8.05
N MET C 2 -0.21 9.62 -7.70
CA MET C 2 0.83 8.75 -7.37
C MET C 2 0.60 7.37 -7.97
N PHE C 3 1.69 6.81 -8.51
CA PHE C 3 1.67 5.53 -9.15
C PHE C 3 2.70 4.63 -8.47
N ILE C 4 2.23 3.51 -7.93
CA ILE C 4 3.10 2.53 -7.30
C ILE C 4 3.02 1.20 -8.08
N VAL C 5 4.18 0.59 -8.31
CA VAL C 5 4.26 -0.72 -8.95
C VAL C 5 5.14 -1.61 -8.08
N ASN C 6 4.54 -2.73 -7.64
CA ASN C 6 5.15 -3.84 -6.94
C ASN C 6 5.29 -5.00 -7.93
N THR C 7 6.51 -5.55 -8.06
CA THR C 7 6.74 -6.60 -9.06
C THR C 7 7.83 -7.56 -8.62
N ASN C 8 7.75 -8.81 -9.12
CA ASN C 8 8.76 -9.84 -8.90
C ASN C 8 9.92 -9.74 -9.91
N VAL C 9 9.80 -8.85 -10.90
CA VAL C 9 10.87 -8.60 -11.81
C VAL C 9 12.10 -8.09 -11.06
N PRO C 10 13.33 -8.56 -11.36
CA PRO C 10 14.50 -8.11 -10.61
C PRO C 10 14.90 -6.65 -10.88
N ARG C 11 15.54 -6.04 -9.90
CA ARG C 11 15.94 -4.67 -9.91
C ARG C 11 16.76 -4.36 -11.18
N ALA C 12 17.65 -5.28 -11.58
CA ALA C 12 18.55 -4.98 -12.72
C ALA C 12 17.77 -4.92 -14.04
N SER C 13 16.56 -5.47 -14.08
CA SER C 13 15.70 -5.40 -15.26
C SER C 13 14.89 -4.11 -15.34
N VAL C 14 14.96 -3.24 -14.33
CA VAL C 14 14.26 -1.99 -14.44
C VAL C 14 15.15 -1.04 -15.23
N PRO C 15 14.72 -0.51 -16.39
CA PRO C 15 15.58 0.37 -17.16
C PRO C 15 15.93 1.63 -16.35
N ASP C 16 17.17 2.11 -16.50
CA ASP C 16 17.42 3.49 -16.20
C ASP C 16 16.49 4.28 -17.13
N GLY C 17 15.87 5.26 -16.54
CA GLY C 17 14.97 6.06 -17.29
C GLY C 17 13.53 5.77 -16.91
N PHE C 18 13.28 4.63 -16.24
CA PHE C 18 11.91 4.16 -16.07
C PHE C 18 11.08 5.12 -15.19
N LEU C 19 11.64 5.53 -14.04
CA LEU C 19 10.89 6.41 -13.12
C LEU C 19 10.57 7.74 -13.85
N SER C 20 11.53 8.26 -14.62
CA SER C 20 11.32 9.54 -15.35
C SER C 20 10.29 9.35 -16.45
N GLU C 21 10.36 8.21 -17.16
CA GLU C 21 9.39 7.86 -18.16
C GLU C 21 7.98 7.78 -17.55
N LEU C 22 7.82 7.08 -16.42
CA LEU C 22 6.48 7.05 -15.79
C LEU C 22 6.02 8.44 -15.43
N THR C 23 6.93 9.26 -14.88
CA THR C 23 6.57 10.61 -14.45
C THR C 23 6.02 11.45 -15.61
N GLN C 24 6.73 11.41 -16.75
CA GLN C 24 6.33 12.19 -17.90
C GLN C 24 5.02 11.66 -18.47
N GLN C 25 4.94 10.35 -18.68
CA GLN C 25 3.78 9.73 -19.28
C GLN C 25 2.54 9.94 -18.39
N LEU C 26 2.70 9.92 -17.06
CA LEU C 26 1.52 10.14 -16.18
C LEU C 26 1.13 11.63 -16.08
N ALA C 27 2.12 12.51 -16.12
CA ALA C 27 1.83 13.94 -16.18
C ALA C 27 0.94 14.20 -17.40
N GLN C 28 1.36 13.68 -18.54
CA GLN C 28 0.62 13.85 -19.80
C GLN C 28 -0.78 13.23 -19.68
N ALA C 29 -0.86 12.00 -19.21
CA ALA C 29 -2.15 11.29 -19.09
C ALA C 29 -3.10 11.92 -18.07
N THR C 30 -2.58 12.46 -16.93
CA THR C 30 -3.50 13.00 -15.93
C THR C 30 -3.80 14.50 -16.19
N GLY C 31 -3.04 15.12 -17.07
CA GLY C 31 -3.12 16.55 -17.36
C GLY C 31 -2.65 17.42 -16.22
N LYS C 32 -1.82 16.89 -15.33
CA LYS C 32 -1.31 17.65 -14.21
C LYS C 32 0.18 17.88 -14.39
N PRO C 33 0.76 18.97 -13.81
CA PRO C 33 2.18 19.25 -13.98
C PRO C 33 2.98 18.10 -13.39
N PRO C 34 4.17 17.80 -13.96
CA PRO C 34 4.98 16.68 -13.50
C PRO C 34 5.46 16.86 -12.05
N GLN C 35 5.47 18.10 -11.51
CA GLN C 35 5.89 18.41 -10.13
C GLN C 35 4.95 17.67 -9.13
N TYR C 36 3.69 17.41 -9.56
CA TYR C 36 2.74 16.76 -8.67
C TYR C 36 2.74 15.22 -8.77
N ILE C 37 3.52 14.68 -9.69
CA ILE C 37 3.50 13.23 -10.01
C ILE C 37 4.56 12.54 -9.18
N ALA C 38 4.14 11.54 -8.37
CA ALA C 38 5.07 10.71 -7.60
C ALA C 38 4.99 9.28 -8.16
N VAL C 39 6.16 8.63 -8.30
CA VAL C 39 6.19 7.29 -8.82
C VAL C 39 7.06 6.43 -7.89
N HIS C 40 6.72 5.16 -7.78
CA HIS C 40 7.40 4.25 -6.84
C HIS C 40 7.41 2.85 -7.44
N VAL C 41 8.59 2.29 -7.65
CA VAL C 41 8.76 0.99 -8.26
C VAL C 41 9.45 0.10 -7.24
N VAL C 42 8.85 -1.06 -6.98
CA VAL C 42 9.34 -1.97 -5.98
C VAL C 42 9.58 -3.32 -6.64
N PRO C 43 10.84 -3.63 -7.01
CA PRO C 43 11.17 -4.90 -7.67
C PRO C 43 11.54 -5.99 -6.66
N ASP C 44 11.88 -7.16 -7.22
CA ASP C 44 12.37 -8.31 -6.42
C ASP C 44 11.32 -8.76 -5.38
N GLN C 45 10.04 -8.54 -5.64
CA GLN C 45 8.99 -8.90 -4.63
C GLN C 45 8.65 -10.39 -4.73
N LEU C 46 8.24 -10.93 -3.57
CA LEU C 46 7.73 -12.29 -3.43
C LEU C 46 6.23 -12.22 -3.69
N MET C 47 5.84 -12.58 -4.90
CA MET C 47 4.47 -12.47 -5.24
C MET C 47 4.13 -13.53 -6.29
N ALA C 48 2.83 -13.74 -6.42
CA ALA C 48 2.28 -14.71 -7.36
C ALA C 48 0.98 -14.11 -7.91
N PHE C 49 0.65 -14.47 -9.15
CA PHE C 49 -0.53 -14.06 -9.79
C PHE C 49 -1.16 -15.31 -10.41
N GLY C 50 -2.38 -15.64 -10.03
CA GLY C 50 -2.98 -16.86 -10.47
C GLY C 50 -2.24 -18.09 -9.97
N GLY C 51 -1.51 -18.01 -8.85
CA GLY C 51 -0.81 -19.20 -8.30
C GLY C 51 0.57 -19.43 -8.94
N SER C 52 0.95 -18.60 -9.91
CA SER C 52 2.25 -18.72 -10.58
C SER C 52 3.12 -17.48 -10.36
N SER C 53 4.44 -17.67 -10.45
CA SER C 53 5.36 -16.59 -10.18
C SER C 53 6.20 -16.19 -11.41
N GLU C 54 5.57 -16.39 -12.58
CA GLU C 54 5.87 -15.73 -13.83
C GLU C 54 5.85 -14.22 -13.57
N PRO C 55 6.67 -13.38 -14.25
CA PRO C 55 6.63 -11.93 -14.01
C PRO C 55 5.18 -11.38 -13.91
N CYS C 56 4.88 -10.63 -12.84
CA CYS C 56 3.59 -9.98 -12.62
C CYS C 56 3.84 -8.61 -11.93
N ALA C 57 2.79 -7.79 -11.84
CA ALA C 57 2.85 -6.54 -11.12
C ALA C 57 1.51 -6.27 -10.43
N LEU C 58 1.57 -5.76 -9.20
CA LEU C 58 0.44 -5.22 -8.47
C LEU C 58 0.72 -3.74 -8.27
N CYS C 59 -0.20 -2.91 -8.77
CA CYS C 59 -0.04 -1.48 -8.86
C CYS C 59 -1.25 -0.71 -8.27
N SER C 60 -1.02 0.60 -7.99
CA SER C 60 -2.01 1.56 -7.52
C SER C 60 -1.80 2.87 -8.29
N LEU C 61 -2.87 3.55 -8.65
CA LEU C 61 -2.82 4.93 -9.10
C LEU C 61 -3.82 5.73 -8.27
N HIS C 62 -3.32 6.72 -7.54
CA HIS C 62 -4.13 7.63 -6.76
C HIS C 62 -4.11 9.01 -7.42
N SER C 63 -5.29 9.64 -7.50
CA SER C 63 -5.45 10.96 -8.01
C SER C 63 -6.62 11.63 -7.29
N ILE C 64 -6.54 12.95 -7.14
CA ILE C 64 -7.67 13.74 -6.72
C ILE C 64 -8.50 14.03 -7.99
N GLY C 65 -9.54 13.25 -8.24
CA GLY C 65 -10.25 13.35 -9.51
C GLY C 65 -9.42 12.78 -10.65
N LYS C 66 -9.94 12.91 -11.89
CA LYS C 66 -9.31 12.31 -13.10
C LYS C 66 -9.31 10.77 -12.98
N ILE C 67 -10.30 10.23 -12.28
CA ILE C 67 -10.47 8.79 -12.08
C ILE C 67 -11.89 8.43 -12.49
N GLY C 68 -12.04 7.38 -13.32
CA GLY C 68 -13.37 6.93 -13.73
C GLY C 68 -13.31 5.93 -14.86
N GLY C 69 -14.49 5.46 -15.28
CA GLY C 69 -14.66 4.41 -16.26
C GLY C 69 -13.68 4.52 -17.41
N ALA C 70 -13.88 5.52 -18.28
CA ALA C 70 -13.10 5.53 -19.54
C ALA C 70 -11.65 5.96 -19.26
N GLN C 71 -11.47 6.86 -18.29
CA GLN C 71 -10.16 7.33 -17.95
C GLN C 71 -9.33 6.16 -17.42
N ASN C 72 -9.95 5.29 -16.60
CA ASN C 72 -9.20 4.16 -16.02
C ASN C 72 -8.86 3.13 -17.09
N ARG C 73 -9.75 2.92 -18.08
CA ARG C 73 -9.39 2.04 -19.19
C ARG C 73 -8.17 2.59 -19.90
N SER C 74 -8.13 3.92 -20.08
CA SER C 74 -7.04 4.57 -20.77
C SER C 74 -5.74 4.42 -19.99
N TYR C 75 -5.78 4.66 -18.65
CA TYR C 75 -4.62 4.50 -17.85
C TYR C 75 -4.08 3.07 -17.94
N SER C 76 -5.01 2.10 -17.94
CA SER C 76 -4.65 0.72 -17.91
C SER C 76 -3.90 0.36 -19.18
N LYS C 77 -4.37 0.85 -20.33
CA LYS C 77 -3.66 0.49 -21.58
C LYS C 77 -2.26 1.13 -21.58
N LEU C 78 -2.18 2.38 -21.10
CA LEU C 78 -0.92 3.10 -21.00
C LEU C 78 0.07 2.34 -20.11
N LEU C 79 -0.37 2.07 -18.86
CA LEU C 79 0.53 1.52 -17.82
C LEU C 79 0.87 0.06 -18.13
N CYS C 80 -0.10 -0.77 -18.60
CA CYS C 80 0.22 -2.13 -19.02
C CYS C 80 1.22 -2.10 -20.18
N GLY C 81 1.07 -1.14 -21.11
CA GLY C 81 1.98 -1.00 -22.22
C GLY C 81 3.41 -0.75 -21.76
N LEU C 82 3.57 0.20 -20.86
CA LEU C 82 4.89 0.49 -20.29
C LEU C 82 5.49 -0.71 -19.55
N LEU C 83 4.67 -1.38 -18.72
CA LEU C 83 5.12 -2.53 -17.99
C LEU C 83 5.54 -3.66 -18.93
N ALA C 84 4.76 -3.91 -19.99
CA ALA C 84 5.10 -4.95 -20.99
C ALA C 84 6.41 -4.56 -21.67
N GLU C 85 6.49 -3.31 -22.11
CA GLU C 85 7.65 -2.88 -22.93
C GLU C 85 8.92 -2.82 -22.08
N ARG C 86 8.86 -2.21 -20.90
CA ARG C 86 10.04 -1.91 -20.12
C ARG C 86 10.40 -3.07 -19.20
N LEU C 87 9.42 -3.71 -18.58
CA LEU C 87 9.71 -4.72 -17.58
C LEU C 87 9.40 -6.12 -18.11
N ARG C 88 8.82 -6.21 -19.31
CA ARG C 88 8.53 -7.54 -20.00
C ARG C 88 7.45 -8.33 -19.21
N ILE C 89 6.50 -7.62 -18.57
CA ILE C 89 5.36 -8.21 -17.82
C ILE C 89 4.16 -8.29 -18.76
N SER C 90 3.57 -9.50 -18.86
CA SER C 90 2.41 -9.64 -19.69
C SER C 90 1.25 -8.85 -19.10
N PRO C 91 0.47 -8.10 -19.93
CA PRO C 91 -0.69 -7.34 -19.44
C PRO C 91 -1.72 -8.16 -18.63
N ASP C 92 -1.87 -9.46 -18.94
CA ASP C 92 -2.86 -10.23 -18.22
C ASP C 92 -2.30 -10.73 -16.88
N ARG C 93 -1.07 -10.29 -16.52
CA ARG C 93 -0.48 -10.52 -15.19
C ARG C 93 -0.19 -9.20 -14.46
N VAL C 94 -1.02 -8.18 -14.74
CA VAL C 94 -0.99 -6.91 -14.06
C VAL C 94 -2.37 -6.59 -13.47
N TYR C 95 -2.40 -6.19 -12.19
CA TYR C 95 -3.54 -5.51 -11.60
C TYR C 95 -3.14 -4.06 -11.23
N ILE C 96 -4.06 -3.15 -11.51
CA ILE C 96 -3.94 -1.74 -11.13
C ILE C 96 -5.21 -1.32 -10.39
N ASN C 97 -5.07 -0.97 -9.09
CA ASN C 97 -6.20 -0.43 -8.35
C ASN C 97 -6.16 1.10 -8.47
N TYR C 98 -7.33 1.70 -8.77
CA TYR C 98 -7.50 3.13 -8.96
C TYR C 98 -8.22 3.69 -7.74
N TYR C 99 -7.72 4.83 -7.23
CA TYR C 99 -8.29 5.52 -6.10
C TYR C 99 -8.52 7.00 -6.41
N ASP C 100 -9.79 7.40 -6.32
CA ASP C 100 -10.20 8.80 -6.44
C ASP C 100 -10.22 9.39 -5.04
N MET C 101 -9.16 10.12 -4.69
CA MET C 101 -8.98 10.67 -3.37
C MET C 101 -9.68 12.03 -3.28
N ASN C 102 -10.36 12.24 -2.14
CA ASN C 102 -10.87 13.54 -1.80
C ASN C 102 -9.67 14.43 -1.42
N ALA C 103 -9.72 15.71 -1.82
CA ALA C 103 -8.62 16.64 -1.55
C ALA C 103 -8.29 16.69 -0.05
N ALA C 104 -9.34 16.63 0.79
CA ALA C 104 -9.15 16.77 2.24
C ALA C 104 -8.39 15.55 2.82
N ASN C 105 -8.33 14.46 2.03
CA ASN C 105 -7.73 13.21 2.47
C ASN C 105 -6.34 13.02 1.86
N VAL C 106 -5.74 14.08 1.32
CA VAL C 106 -4.40 13.99 0.80
C VAL C 106 -3.58 15.08 1.51
N GLY C 107 -2.64 14.65 2.35
CA GLY C 107 -1.69 15.50 3.06
C GLY C 107 -0.48 15.85 2.20
N TRP C 108 -0.02 17.09 2.33
CA TRP C 108 1.12 17.62 1.56
C TRP C 108 1.49 18.97 2.18
N ASN C 109 2.80 19.20 2.34
CA ASN C 109 3.32 20.51 2.74
C ASN C 109 2.67 20.99 4.04
N ASN C 110 2.54 20.11 5.04
CA ASN C 110 2.10 20.51 6.38
C ASN C 110 0.60 20.73 6.46
N SER C 111 -0.14 20.48 5.36
CA SER C 111 -1.54 20.66 5.37
C SER C 111 -2.15 19.60 4.45
N THR C 112 -3.33 19.88 3.89
CA THR C 112 -3.95 19.00 2.92
C THR C 112 -4.19 19.78 1.63
N PHE C 113 -4.72 19.11 0.62
CA PHE C 113 -5.09 19.81 -0.64
C PHE C 113 -6.48 20.50 -0.62
N ALA C 114 -7.21 20.48 0.49
CA ALA C 114 -8.61 20.92 0.53
C ALA C 114 -8.77 22.43 0.18
#